data_5K1U
#
_entry.id   5K1U
#
_cell.length_a   50.430
_cell.length_b   54.470
_cell.length_c   105.270
_cell.angle_alpha   90.00
_cell.angle_beta   90.00
_cell.angle_gamma   90.00
#
_symmetry.space_group_name_H-M   'P 21 21 21'
#
loop_
_entity.id
_entity.type
_entity.pdbx_description
1 polymer 'NAD(P)H:flavin oxidoreductase Sye4'
2 non-polymer 'FLAVIN MONONUCLEOTIDE'
3 non-polymer 'PICRIC ACID'
4 water water
#
_entity_poly.entity_id   1
_entity_poly.type   'polypeptide(L)'
_entity_poly.pdbx_seq_one_letter_code
;MTIENTVNSVENLFDTYKLNDTITLKNRILMAPLTRCMADANLVPTDDMVAYYARRAEAGLIISEATIIRPDAQGYPNTP
GIFTQAQIAGWRKVTDAVHANGGKIFVQLWHTGRVAHPHFFGGGDVLAPSAQKIEGSVPRMRELTYVTPKAVTVEDIQGL
VRDYAKAAENVIEAGFDGVEIHGANGYLIDQFLHHDSNRRTDEYGGTPVNMSRFALEVVDAIIARIGHDRTGLRISPGAY
FNMASDSRDRVVFDYLLPELEKRDLAFVHIGIFDDSIEFDYLGGTASSYVRAHYGKTLVGVGSYSAETASKAIAEDKFDL
IAIGRPFIANPDYVAKVRNSEELVAYSDEMLASLI
;
_entity_poly.pdbx_strand_id   A
#
# COMPACT_ATOMS: atom_id res chain seq x y z
N ASN A 8 25.29 11.32 12.21
CA ASN A 8 24.95 9.92 12.45
C ASN A 8 24.97 9.11 11.17
N SER A 9 25.31 7.83 11.29
CA SER A 9 25.57 6.99 10.12
C SER A 9 24.29 6.64 9.37
N VAL A 10 24.44 6.45 8.06
CA VAL A 10 23.36 5.89 7.26
C VAL A 10 23.88 4.72 6.44
N GLU A 11 25.05 4.21 6.82
CA GLU A 11 25.75 3.19 6.05
C GLU A 11 24.90 1.94 5.78
N ASN A 12 24.16 1.49 6.79
CA ASN A 12 23.40 0.25 6.63
C ASN A 12 22.25 0.37 5.63
N LEU A 13 21.87 1.59 5.27
CA LEU A 13 20.79 1.78 4.31
C LEU A 13 21.25 1.32 2.95
N PHE A 14 22.57 1.19 2.77
CA PHE A 14 23.12 0.79 1.48
C PHE A 14 23.60 -0.65 1.45
N ASP A 15 23.22 -1.43 2.47
CA ASP A 15 23.40 -2.88 2.39
C ASP A 15 22.47 -3.42 1.32
N THR A 16 22.93 -4.44 0.61
CA THR A 16 22.02 -5.17 -0.26
CA THR A 16 22.07 -5.22 -0.27
C THR A 16 21.13 -6.00 0.64
N TYR A 17 19.91 -6.23 0.20
CA TYR A 17 18.96 -6.97 1.03
C TYR A 17 18.24 -8.02 0.21
N LYS A 18 18.53 -9.28 0.49
CA LYS A 18 17.86 -10.37 -0.17
C LYS A 18 16.49 -10.60 0.42
N LEU A 19 15.44 -10.33 -0.36
CA LEU A 19 14.08 -10.62 0.07
C LEU A 19 13.82 -12.12 0.06
N ASN A 20 14.38 -12.79 -0.95
CA ASN A 20 14.14 -14.22 -1.17
C ASN A 20 14.94 -14.65 -2.38
N ASP A 21 14.79 -15.90 -2.82
CA ASP A 21 15.56 -16.39 -3.96
C ASP A 21 15.29 -15.62 -5.26
N THR A 22 14.11 -15.01 -5.35
CA THR A 22 13.71 -14.33 -6.57
C THR A 22 14.22 -12.89 -6.66
N ILE A 23 14.23 -12.19 -5.53
CA ILE A 23 14.49 -10.75 -5.52
C ILE A 23 15.50 -10.35 -4.46
N THR A 24 16.58 -9.70 -4.91
CA THR A 24 17.50 -9.01 -4.02
C THR A 24 17.44 -7.52 -4.34
N LEU A 25 17.27 -6.71 -3.29
CA LEU A 25 17.24 -5.24 -3.43
C LEU A 25 18.63 -4.67 -3.30
N LYS A 26 18.94 -3.68 -4.13
CA LYS A 26 20.28 -3.11 -4.16
C LYS A 26 20.58 -2.20 -2.96
N ASN A 27 19.54 -1.80 -2.25
CA ASN A 27 19.70 -1.11 -0.97
C ASN A 27 18.40 -1.25 -0.17
N ARG A 28 18.38 -0.69 1.04
CA ARG A 28 17.25 -0.88 1.97
C ARG A 28 16.18 0.20 1.83
N ILE A 29 16.36 1.12 0.89
CA ILE A 29 15.43 2.24 0.78
C ILE A 29 14.32 1.97 -0.23
N LEU A 30 13.09 2.10 0.23
CA LEU A 30 11.94 1.97 -0.65
C LEU A 30 11.30 3.32 -0.86
N MET A 31 10.79 3.55 -2.07
CA MET A 31 9.86 4.66 -2.28
C MET A 31 8.48 4.21 -1.82
N ALA A 32 7.96 4.90 -0.80
CA ALA A 32 6.64 4.61 -0.28
C ALA A 32 5.58 4.85 -1.34
N PRO A 33 4.45 4.14 -1.26
CA PRO A 33 3.35 4.35 -2.19
C PRO A 33 2.77 5.76 -1.99
N LEU A 34 2.63 6.51 -3.07
CA LEU A 34 2.20 7.90 -2.99
C LEU A 34 1.20 8.21 -4.10
N THR A 35 -0.08 8.26 -3.73
CA THR A 35 -1.15 8.69 -4.61
C THR A 35 -0.90 10.10 -5.08
N ARG A 36 -0.98 10.31 -6.39
CA ARG A 36 -0.76 11.64 -6.96
C ARG A 36 -1.96 12.13 -7.77
N CYS A 37 -2.88 11.24 -8.11
CA CYS A 37 -4.10 11.58 -8.83
C CYS A 37 -3.83 12.26 -10.17
N MET A 38 -2.92 11.68 -10.95
CA MET A 38 -2.49 12.27 -12.20
CA MET A 38 -2.53 12.29 -12.20
C MET A 38 -2.55 11.32 -13.39
N ALA A 39 -3.23 10.19 -13.22
CA ALA A 39 -3.46 9.30 -14.35
C ALA A 39 -4.45 9.98 -15.30
N ASP A 40 -4.57 9.50 -16.53
CA ASP A 40 -5.52 10.11 -17.46
C ASP A 40 -6.98 9.72 -17.16
N ALA A 41 -7.89 10.21 -17.99
CA ALA A 41 -9.32 10.04 -17.74
C ALA A 41 -9.72 8.56 -17.74
N ASN A 42 -8.94 7.74 -18.43
CA ASN A 42 -9.17 6.30 -18.47
C ASN A 42 -8.38 5.56 -17.40
N LEU A 43 -7.76 6.32 -16.50
CA LEU A 43 -6.97 5.79 -15.39
C LEU A 43 -5.72 5.05 -15.88
N VAL A 44 -5.23 5.47 -17.04
CA VAL A 44 -4.01 4.93 -17.63
C VAL A 44 -2.84 5.82 -17.24
N PRO A 45 -1.72 5.22 -16.79
CA PRO A 45 -0.52 6.02 -16.52
C PRO A 45 -0.07 6.83 -17.73
N THR A 46 0.46 8.02 -17.44
CA THR A 46 0.91 8.94 -18.48
C THR A 46 2.44 8.97 -18.60
N ASP A 47 2.92 9.66 -19.62
CA ASP A 47 4.36 9.82 -19.80
C ASP A 47 4.97 10.58 -18.63
N ASP A 48 4.23 11.51 -18.06
CA ASP A 48 4.66 12.24 -16.87
CA ASP A 48 4.69 12.23 -16.89
C ASP A 48 4.95 11.25 -15.75
N MET A 49 4.03 10.30 -15.58
CA MET A 49 4.18 9.28 -14.55
C MET A 49 5.37 8.34 -14.83
N VAL A 50 5.55 8.00 -16.10
CA VAL A 50 6.70 7.18 -16.51
C VAL A 50 8.00 7.87 -16.07
N ALA A 51 8.14 9.14 -16.39
CA ALA A 51 9.38 9.87 -16.08
C ALA A 51 9.59 10.02 -14.57
N TYR A 52 8.49 10.26 -13.84
CA TYR A 52 8.51 10.43 -12.40
C TYR A 52 9.03 9.21 -11.67
N TYR A 53 8.55 8.03 -12.06
CA TYR A 53 9.01 6.81 -11.44
C TYR A 53 10.43 6.47 -11.89
N ALA A 54 10.72 6.70 -13.17
CA ALA A 54 12.01 6.35 -13.73
C ALA A 54 13.14 7.07 -12.99
N ARG A 55 12.91 8.33 -12.63
CA ARG A 55 13.99 9.08 -12.01
C ARG A 55 14.18 8.72 -10.53
N ARG A 56 13.40 7.77 -10.03
CA ARG A 56 13.52 7.31 -8.65
C ARG A 56 14.01 5.87 -8.54
N ALA A 57 14.54 5.35 -9.64
CA ALA A 57 15.02 3.97 -9.73
C ALA A 57 16.31 3.68 -8.95
N GLU A 58 16.90 4.69 -8.32
CA GLU A 58 18.00 4.45 -7.39
C GLU A 58 17.53 3.79 -6.10
N ALA A 59 16.23 3.81 -5.83
CA ALA A 59 15.67 3.10 -4.69
C ALA A 59 15.86 1.59 -4.87
N GLY A 60 16.08 0.89 -3.77
CA GLY A 60 16.09 -0.56 -3.79
C GLY A 60 14.81 -1.13 -4.38
N LEU A 61 13.69 -0.47 -4.09
CA LEU A 61 12.39 -0.89 -4.61
C LEU A 61 11.44 0.29 -4.54
N ILE A 62 10.69 0.50 -5.61
CA ILE A 62 9.62 1.47 -5.64
C ILE A 62 8.33 0.73 -5.39
N ILE A 63 7.52 1.24 -4.47
CA ILE A 63 6.11 0.84 -4.37
C ILE A 63 5.30 1.91 -5.09
N SER A 64 4.52 1.50 -6.08
CA SER A 64 3.71 2.46 -6.82
C SER A 64 2.60 3.07 -5.97
N GLU A 65 2.08 4.20 -6.43
CA GLU A 65 0.84 4.75 -5.91
C GLU A 65 -0.23 3.67 -5.93
N ALA A 66 -1.17 3.79 -5.00
CA ALA A 66 -2.30 2.87 -4.94
C ALA A 66 -2.99 2.82 -6.31
N THR A 67 -3.26 1.59 -6.78
CA THR A 67 -3.74 1.35 -8.13
C THR A 67 -4.96 0.46 -8.03
N ILE A 68 -6.09 0.89 -8.60
CA ILE A 68 -7.36 0.22 -8.33
C ILE A 68 -7.52 -1.06 -9.15
N ILE A 69 -8.18 -2.04 -8.53
CA ILE A 69 -8.29 -3.37 -9.14
C ILE A 69 -9.51 -3.51 -10.07
N ARG A 70 -10.49 -2.62 -9.93
CA ARG A 70 -11.69 -2.63 -10.77
C ARG A 70 -12.47 -1.34 -10.53
N PRO A 71 -13.51 -1.09 -11.34
CA PRO A 71 -14.14 0.24 -11.26
C PRO A 71 -14.70 0.65 -9.91
N ASP A 72 -15.38 -0.24 -9.19
CA ASP A 72 -16.02 0.15 -7.93
C ASP A 72 -15.01 0.31 -6.78
N ALA A 73 -13.72 0.20 -7.11
CA ALA A 73 -12.66 0.48 -6.16
C ALA A 73 -12.32 1.96 -6.07
N GLN A 74 -12.80 2.76 -7.02
CA GLN A 74 -12.35 4.14 -7.12
C GLN A 74 -13.05 5.07 -6.12
N GLY A 75 -12.24 5.86 -5.41
CA GLY A 75 -12.75 6.84 -4.48
C GLY A 75 -12.16 8.22 -4.66
N TYR A 76 -11.16 8.37 -5.53
CA TYR A 76 -10.55 9.67 -5.77
C TYR A 76 -10.32 9.85 -7.26
N PRO A 77 -10.28 11.10 -7.72
CA PRO A 77 -10.13 11.29 -9.17
C PRO A 77 -8.76 10.90 -9.70
N ASN A 78 -8.77 10.28 -10.88
CA ASN A 78 -7.55 10.07 -11.64
C ASN A 78 -6.50 9.22 -10.97
N THR A 79 -6.97 8.26 -10.18
CA THR A 79 -6.07 7.26 -9.62
C THR A 79 -5.98 6.14 -10.63
N PRO A 80 -4.76 5.70 -10.95
CA PRO A 80 -4.63 4.67 -12.00
C PRO A 80 -5.25 3.33 -11.62
N GLY A 81 -5.60 2.57 -12.64
CA GLY A 81 -6.05 1.20 -12.47
C GLY A 81 -5.16 0.22 -13.19
N ILE A 82 -5.41 -1.08 -13.02
CA ILE A 82 -4.71 -2.06 -13.81
C ILE A 82 -5.66 -3.24 -14.12
N PHE A 83 -6.86 -2.90 -14.58
CA PHE A 83 -7.83 -3.90 -14.98
C PHE A 83 -8.18 -3.88 -16.46
N THR A 84 -7.76 -2.84 -17.19
CA THR A 84 -7.95 -2.81 -18.65
C THR A 84 -6.64 -3.00 -19.40
N GLN A 85 -6.73 -3.41 -20.66
CA GLN A 85 -5.53 -3.64 -21.46
CA GLN A 85 -5.54 -3.63 -21.47
C GLN A 85 -4.79 -2.33 -21.69
N ALA A 86 -5.52 -1.22 -21.83
CA ALA A 86 -4.86 0.07 -22.03
C ALA A 86 -4.08 0.47 -20.78
N GLN A 87 -4.62 0.15 -19.60
CA GLN A 87 -3.92 0.45 -18.34
C GLN A 87 -2.66 -0.40 -18.23
N ILE A 88 -2.77 -1.67 -18.61
CA ILE A 88 -1.63 -2.56 -18.63
C ILE A 88 -0.54 -1.99 -19.54
N ALA A 89 -0.92 -1.52 -20.72
CA ALA A 89 0.06 -0.98 -21.65
C ALA A 89 0.73 0.27 -21.10
N GLY A 90 -0.03 1.11 -20.42
CA GLY A 90 0.51 2.31 -19.80
C GLY A 90 1.50 1.97 -18.70
N TRP A 91 1.15 0.97 -17.88
CA TRP A 91 2.05 0.57 -16.83
C TRP A 91 3.31 -0.09 -17.36
N ARG A 92 3.20 -0.78 -18.50
CA ARG A 92 4.36 -1.41 -19.11
C ARG A 92 5.40 -0.34 -19.45
N LYS A 93 4.94 0.84 -19.88
CA LYS A 93 5.87 1.94 -20.13
C LYS A 93 6.59 2.34 -18.85
N VAL A 94 5.85 2.36 -17.74
CA VAL A 94 6.45 2.69 -16.45
C VAL A 94 7.49 1.66 -16.04
N THR A 95 7.14 0.38 -16.08
CA THR A 95 8.05 -0.65 -15.58
C THR A 95 9.29 -0.75 -16.47
N ASP A 96 9.11 -0.63 -17.78
CA ASP A 96 10.27 -0.66 -18.68
C ASP A 96 11.22 0.47 -18.33
N ALA A 97 10.68 1.65 -18.05
CA ALA A 97 11.53 2.80 -17.73
C ALA A 97 12.26 2.62 -16.40
N VAL A 98 11.56 2.10 -15.39
CA VAL A 98 12.19 1.87 -14.10
C VAL A 98 13.33 0.86 -14.25
N HIS A 99 13.07 -0.24 -14.96
CA HIS A 99 14.09 -1.27 -15.16
C HIS A 99 15.27 -0.77 -15.98
N ALA A 100 14.99 0.02 -17.01
CA ALA A 100 16.06 0.59 -17.83
C ALA A 100 16.91 1.53 -16.99
N ASN A 101 16.32 2.10 -15.93
CA ASN A 101 17.06 3.00 -15.05
C ASN A 101 17.64 2.27 -13.83
N GLY A 102 17.62 0.93 -13.87
CA GLY A 102 18.31 0.13 -12.87
C GLY A 102 17.51 -0.18 -11.61
N GLY A 103 16.21 0.04 -11.66
CA GLY A 103 15.39 -0.12 -10.49
C GLY A 103 14.49 -1.34 -10.50
N LYS A 104 13.66 -1.43 -9.48
CA LYS A 104 12.64 -2.45 -9.33
C LYS A 104 11.38 -1.77 -8.84
N ILE A 105 10.21 -2.32 -9.19
CA ILE A 105 8.96 -1.69 -8.81
C ILE A 105 7.85 -2.73 -8.59
N PHE A 106 7.15 -2.58 -7.47
CA PHE A 106 5.92 -3.30 -7.18
C PHE A 106 4.74 -2.35 -7.36
N VAL A 107 3.61 -2.87 -7.81
CA VAL A 107 2.37 -2.10 -7.79
CA VAL A 107 2.35 -2.11 -7.79
C VAL A 107 1.74 -2.25 -6.42
N GLN A 108 1.06 -1.21 -5.94
CA GLN A 108 0.24 -1.37 -4.75
C GLN A 108 -1.21 -1.55 -5.22
N LEU A 109 -1.79 -2.72 -4.94
CA LEU A 109 -3.14 -3.04 -5.41
C LEU A 109 -4.19 -2.62 -4.38
N TRP A 110 -5.21 -1.92 -4.87
CA TRP A 110 -6.09 -1.11 -4.04
C TRP A 110 -7.57 -1.34 -4.32
N HIS A 111 -8.33 -1.45 -3.24
CA HIS A 111 -9.76 -1.28 -3.31
C HIS A 111 -10.15 -0.43 -2.11
N THR A 112 -10.90 0.64 -2.33
CA THR A 112 -11.19 1.61 -1.27
C THR A 112 -12.33 1.20 -0.33
N GLY A 113 -13.14 0.24 -0.74
CA GLY A 113 -14.20 -0.27 0.13
C GLY A 113 -15.20 0.85 0.38
N ARG A 114 -15.50 1.11 1.65
CA ARG A 114 -16.49 2.13 2.01
C ARG A 114 -16.05 3.54 1.66
N VAL A 115 -14.78 3.71 1.26
CA VAL A 115 -14.26 5.02 0.89
C VAL A 115 -14.37 5.27 -0.63
N ALA A 116 -14.96 4.33 -1.35
CA ALA A 116 -15.23 4.53 -2.77
C ALA A 116 -16.34 5.55 -2.94
N HIS A 117 -16.50 6.07 -4.15
CA HIS A 117 -17.64 6.91 -4.43
C HIS A 117 -18.26 6.63 -5.81
N PRO A 118 -19.59 6.46 -5.87
CA PRO A 118 -20.24 6.03 -7.11
C PRO A 118 -20.13 6.98 -8.29
N HIS A 119 -19.90 8.26 -8.04
CA HIS A 119 -19.57 9.21 -9.11
C HIS A 119 -18.54 8.66 -10.09
N PHE A 120 -17.57 7.92 -9.57
CA PHE A 120 -16.46 7.47 -10.39
C PHE A 120 -16.79 6.24 -11.22
N PHE A 121 -17.79 5.48 -10.79
CA PHE A 121 -18.11 4.24 -11.49
C PHE A 121 -19.57 4.08 -11.87
N GLY A 122 -20.23 5.20 -12.16
CA GLY A 122 -21.55 5.18 -12.77
C GLY A 122 -22.70 4.86 -11.82
N GLY A 123 -22.54 5.15 -10.54
CA GLY A 123 -23.65 5.11 -9.60
C GLY A 123 -23.94 3.81 -8.86
N GLY A 124 -23.08 2.81 -9.02
CA GLY A 124 -23.30 1.53 -8.35
C GLY A 124 -23.14 1.51 -6.84
N ASP A 125 -23.24 0.32 -6.28
CA ASP A 125 -23.06 0.10 -4.85
C ASP A 125 -21.60 0.30 -4.42
N VAL A 126 -21.43 0.99 -3.30
CA VAL A 126 -20.16 1.01 -2.59
C VAL A 126 -20.13 -0.24 -1.73
N LEU A 127 -19.02 -0.96 -1.76
CA LEU A 127 -18.92 -2.25 -1.08
C LEU A 127 -18.03 -2.16 0.15
N ALA A 128 -18.43 -2.84 1.22
CA ALA A 128 -17.65 -2.85 2.45
C ALA A 128 -18.08 -4.07 3.28
N PRO A 129 -17.34 -4.40 4.34
CA PRO A 129 -17.79 -5.52 5.18
C PRO A 129 -19.15 -5.25 5.81
N SER A 130 -19.39 -4.01 6.21
CA SER A 130 -20.62 -3.63 6.89
C SER A 130 -21.13 -2.28 6.41
N ALA A 131 -22.42 -2.02 6.62
CA ALA A 131 -23.03 -0.77 6.21
C ALA A 131 -22.69 0.34 7.20
N GLN A 132 -21.40 0.66 7.28
CA GLN A 132 -20.88 1.66 8.21
C GLN A 132 -20.29 2.79 7.37
N LYS A 133 -21.10 3.83 7.19
CA LYS A 133 -20.78 4.95 6.33
C LYS A 133 -19.69 5.81 6.95
N ILE A 134 -18.84 6.41 6.13
CA ILE A 134 -17.94 7.44 6.67
C ILE A 134 -18.55 8.81 6.44
N GLU A 135 -18.10 9.79 7.21
CA GLU A 135 -18.65 11.13 7.12
C GLU A 135 -18.03 11.94 5.99
N GLY A 136 -18.81 12.87 5.47
CA GLY A 136 -18.25 13.91 4.62
C GLY A 136 -18.32 13.59 3.14
N SER A 137 -17.31 14.08 2.44
CA SER A 137 -17.28 14.04 0.99
CA SER A 137 -17.27 14.04 0.99
C SER A 137 -15.86 13.81 0.48
N VAL A 138 -15.76 13.39 -0.78
CA VAL A 138 -14.47 13.14 -1.41
C VAL A 138 -13.65 14.42 -1.39
N PRO A 139 -12.36 14.32 -1.01
CA PRO A 139 -11.47 15.48 -0.99
C PRO A 139 -11.44 16.19 -2.34
N ARG A 140 -11.51 17.52 -2.30
CA ARG A 140 -11.45 18.36 -3.49
CA ARG A 140 -11.43 18.33 -3.51
C ARG A 140 -12.63 18.12 -4.44
N MET A 141 -13.69 17.51 -3.91
CA MET A 141 -14.94 17.29 -4.65
C MET A 141 -16.10 17.22 -3.65
N ARG A 142 -16.43 18.35 -3.03
CA ARG A 142 -17.36 18.36 -1.89
C ARG A 142 -18.78 17.91 -2.23
N GLU A 143 -19.12 17.96 -3.51
CA GLU A 143 -20.43 17.54 -3.98
C GLU A 143 -20.60 16.02 -3.82
N LEU A 144 -19.48 15.31 -3.78
CA LEU A 144 -19.50 13.85 -3.73
C LEU A 144 -19.56 13.36 -2.29
N THR A 145 -20.75 13.40 -1.70
CA THR A 145 -20.94 12.98 -0.32
C THR A 145 -20.89 11.46 -0.22
N TYR A 146 -20.16 10.95 0.77
CA TYR A 146 -20.04 9.50 0.93
C TYR A 146 -21.39 8.87 1.20
N VAL A 147 -21.54 7.62 0.77
CA VAL A 147 -22.81 6.91 0.91
C VAL A 147 -22.66 5.68 1.80
N THR A 148 -23.79 5.19 2.29
CA THR A 148 -23.80 3.97 3.07
C THR A 148 -23.44 2.79 2.17
N PRO A 149 -22.40 2.04 2.56
CA PRO A 149 -22.01 0.87 1.76
C PRO A 149 -23.04 -0.24 1.85
N LYS A 150 -23.06 -1.10 0.84
CA LYS A 150 -23.75 -2.38 0.96
C LYS A 150 -22.79 -3.35 1.63
N ALA A 151 -23.26 -4.04 2.67
CA ALA A 151 -22.50 -5.11 3.27
C ALA A 151 -22.37 -6.24 2.25
N VAL A 152 -21.13 -6.61 1.90
CA VAL A 152 -20.91 -7.58 0.85
C VAL A 152 -21.43 -8.96 1.23
N THR A 153 -21.88 -9.70 0.23
CA THR A 153 -22.23 -11.09 0.42
C THR A 153 -20.98 -11.93 0.24
N VAL A 154 -21.04 -13.19 0.63
CA VAL A 154 -19.91 -14.08 0.43
C VAL A 154 -19.57 -14.17 -1.06
N GLU A 155 -20.59 -14.23 -1.91
CA GLU A 155 -20.34 -14.24 -3.34
C GLU A 155 -19.64 -12.96 -3.82
N ASP A 156 -20.04 -11.80 -3.28
CA ASP A 156 -19.35 -10.54 -3.59
C ASP A 156 -17.88 -10.64 -3.19
N ILE A 157 -17.64 -11.18 -1.99
CA ILE A 157 -16.28 -11.33 -1.49
C ILE A 157 -15.45 -12.20 -2.42
N GLN A 158 -16.01 -13.30 -2.89
CA GLN A 158 -15.26 -14.19 -3.76
C GLN A 158 -14.94 -13.48 -5.09
N GLY A 159 -15.83 -12.60 -5.52
CA GLY A 159 -15.62 -11.83 -6.74
C GLY A 159 -14.48 -10.85 -6.53
N LEU A 160 -14.44 -10.24 -5.35
CA LEU A 160 -13.37 -9.31 -5.00
C LEU A 160 -12.03 -10.02 -4.93
N VAL A 161 -12.01 -11.18 -4.28
CA VAL A 161 -10.80 -12.00 -4.21
C VAL A 161 -10.29 -12.34 -5.62
N ARG A 162 -11.20 -12.79 -6.47
CA ARG A 162 -10.87 -13.09 -7.87
C ARG A 162 -10.28 -11.87 -8.58
N ASP A 163 -10.86 -10.70 -8.33
CA ASP A 163 -10.42 -9.51 -9.05
C ASP A 163 -9.08 -8.97 -8.53
N TYR A 164 -8.80 -9.17 -7.24
CA TYR A 164 -7.47 -8.90 -6.73
C TYR A 164 -6.46 -9.79 -7.46
N ALA A 165 -6.79 -11.07 -7.60
CA ALA A 165 -5.88 -12.05 -8.20
C ALA A 165 -5.66 -11.75 -9.69
N LYS A 166 -6.74 -11.39 -10.38
CA LYS A 166 -6.63 -11.05 -11.79
CA LYS A 166 -6.65 -11.03 -11.79
C LYS A 166 -5.80 -9.78 -11.95
N ALA A 167 -5.99 -8.81 -11.07
CA ALA A 167 -5.18 -7.61 -11.12
C ALA A 167 -3.72 -7.96 -10.94
N ALA A 168 -3.43 -8.90 -10.04
CA ALA A 168 -2.05 -9.33 -9.82
C ALA A 168 -1.45 -9.96 -11.08
N GLU A 169 -2.25 -10.77 -11.77
CA GLU A 169 -1.83 -11.36 -13.03
C GLU A 169 -1.50 -10.25 -14.06
N ASN A 170 -2.36 -9.23 -14.10
CA ASN A 170 -2.14 -8.08 -14.97
C ASN A 170 -0.86 -7.33 -14.64
N VAL A 171 -0.54 -7.28 -13.34
CA VAL A 171 0.67 -6.64 -12.86
C VAL A 171 1.90 -7.32 -13.42
N ILE A 172 1.89 -8.65 -13.43
CA ILE A 172 3.01 -9.40 -13.99
C ILE A 172 3.06 -9.18 -15.51
N GLU A 173 1.89 -9.14 -16.16
CA GLU A 173 1.84 -8.87 -17.59
C GLU A 173 2.48 -7.52 -17.94
N ALA A 174 2.26 -6.53 -17.08
CA ALA A 174 2.78 -5.17 -17.28
C ALA A 174 4.25 -5.03 -16.94
N GLY A 175 4.87 -6.11 -16.46
CA GLY A 175 6.29 -6.15 -16.23
C GLY A 175 6.76 -5.72 -14.84
N PHE A 176 5.85 -5.59 -13.89
CA PHE A 176 6.25 -5.29 -12.52
C PHE A 176 7.01 -6.45 -11.86
N ASP A 177 7.81 -6.13 -10.85
CA ASP A 177 8.51 -7.17 -10.09
C ASP A 177 7.62 -7.85 -9.06
N GLY A 178 6.47 -7.26 -8.77
CA GLY A 178 5.60 -7.83 -7.75
C GLY A 178 4.48 -6.89 -7.35
N VAL A 179 3.77 -7.29 -6.31
CA VAL A 179 2.60 -6.60 -5.81
C VAL A 179 2.72 -6.34 -4.32
N GLU A 180 2.42 -5.11 -3.89
CA GLU A 180 2.09 -4.86 -2.50
C GLU A 180 0.59 -4.77 -2.39
N ILE A 181 -0.01 -5.66 -1.61
CA ILE A 181 -1.44 -5.60 -1.37
C ILE A 181 -1.72 -4.49 -0.37
N HIS A 182 -2.62 -3.57 -0.72
CA HIS A 182 -2.94 -2.50 0.20
C HIS A 182 -3.95 -2.98 1.25
N GLY A 183 -3.43 -3.50 2.36
CA GLY A 183 -4.27 -3.97 3.46
C GLY A 183 -4.29 -3.00 4.62
N ALA A 184 -4.00 -1.73 4.32
CA ALA A 184 -3.70 -0.74 5.34
C ALA A 184 -4.60 0.47 5.21
N ASN A 185 -4.40 1.42 6.12
CA ASN A 185 -4.93 2.78 6.02
C ASN A 185 -6.43 2.93 5.78
N GLY A 186 -7.22 2.04 6.38
CA GLY A 186 -8.65 2.18 6.35
C GLY A 186 -9.36 1.75 5.07
N TYR A 187 -8.64 1.17 4.12
CA TYR A 187 -9.27 0.78 2.87
C TYR A 187 -9.82 -0.64 2.98
N LEU A 188 -10.20 -1.28 1.87
CA LEU A 188 -11.14 -2.41 1.98
C LEU A 188 -10.67 -3.56 2.88
N ILE A 189 -9.44 -3.99 2.73
CA ILE A 189 -8.94 -5.13 3.49
C ILE A 189 -8.85 -4.72 4.96
N ASP A 190 -8.33 -3.53 5.22
CA ASP A 190 -8.25 -3.03 6.59
C ASP A 190 -9.66 -2.91 7.22
N GLN A 191 -10.67 -2.63 6.41
CA GLN A 191 -12.03 -2.52 6.94
C GLN A 191 -12.52 -3.85 7.54
N PHE A 192 -12.09 -4.97 6.98
CA PHE A 192 -12.43 -6.27 7.55
C PHE A 192 -11.66 -6.56 8.85
N LEU A 193 -10.50 -5.94 9.02
CA LEU A 193 -9.62 -6.26 10.14
C LEU A 193 -9.87 -5.47 11.44
N HIS A 194 -10.80 -4.53 11.41
CA HIS A 194 -11.12 -3.71 12.57
C HIS A 194 -12.59 -3.79 12.93
N HIS A 195 -12.88 -3.81 14.22
CA HIS A 195 -14.26 -3.93 14.68
C HIS A 195 -15.13 -2.70 14.36
N ASP A 196 -14.53 -1.51 14.29
CA ASP A 196 -15.26 -0.28 13.96
CA ASP A 196 -15.39 -0.37 14.04
C ASP A 196 -16.01 -0.46 12.65
N SER A 197 -15.30 -0.97 11.66
CA SER A 197 -15.82 -1.09 10.31
C SER A 197 -16.44 -2.45 10.00
N ASN A 198 -16.04 -3.48 10.74
CA ASN A 198 -16.55 -4.82 10.48
C ASN A 198 -17.46 -5.28 11.62
N ARG A 199 -18.76 -5.16 11.38
CA ARG A 199 -19.77 -5.56 12.35
C ARG A 199 -20.46 -6.85 11.91
N ARG A 200 -19.80 -7.61 11.04
CA ARG A 200 -20.43 -8.81 10.49
C ARG A 200 -20.60 -9.90 11.53
N THR A 201 -21.59 -10.76 11.29
CA THR A 201 -21.86 -11.89 12.17
C THR A 201 -21.70 -13.23 11.46
N ASP A 202 -21.23 -13.21 10.22
CA ASP A 202 -20.98 -14.44 9.48
C ASP A 202 -19.51 -14.85 9.57
N GLU A 203 -19.08 -15.70 8.65
CA GLU A 203 -17.73 -16.25 8.68
C GLU A 203 -16.64 -15.20 8.45
N TYR A 204 -17.02 -13.96 8.15
CA TYR A 204 -16.04 -12.89 7.99
C TYR A 204 -16.06 -11.88 9.14
N GLY A 205 -16.80 -12.19 10.20
CA GLY A 205 -16.86 -11.28 11.34
C GLY A 205 -16.71 -11.99 12.68
N GLY A 206 -16.52 -11.19 13.72
CA GLY A 206 -16.53 -11.70 15.08
C GLY A 206 -15.15 -12.05 15.60
N THR A 207 -14.68 -13.23 15.23
CA THR A 207 -13.46 -13.81 15.79
C THR A 207 -12.24 -13.41 14.96
N PRO A 208 -11.04 -13.55 15.53
CA PRO A 208 -9.83 -13.20 14.79
C PRO A 208 -9.67 -14.01 13.49
N VAL A 209 -9.97 -15.30 13.52
CA VAL A 209 -9.86 -16.09 12.30
C VAL A 209 -10.83 -15.57 11.24
N ASN A 210 -12.03 -15.19 11.64
CA ASN A 210 -13.03 -14.73 10.69
C ASN A 210 -12.70 -13.33 10.16
N MET A 211 -12.24 -12.44 11.04
CA MET A 211 -11.93 -11.09 10.58
C MET A 211 -10.67 -11.05 9.71
N SER A 212 -9.81 -12.04 9.90
CA SER A 212 -8.58 -12.14 9.12
C SER A 212 -8.81 -12.82 7.76
N ARG A 213 -9.97 -13.45 7.62
CA ARG A 213 -10.26 -14.33 6.49
C ARG A 213 -10.09 -13.64 5.13
N PHE A 214 -10.70 -12.46 4.99
CA PHE A 214 -10.63 -11.77 3.72
C PHE A 214 -9.19 -11.43 3.34
N ALA A 215 -8.43 -10.89 4.28
CA ALA A 215 -7.03 -10.56 3.99
C ALA A 215 -6.27 -11.79 3.50
N LEU A 216 -6.47 -12.91 4.19
CA LEU A 216 -5.73 -14.12 3.86
C LEU A 216 -6.19 -14.74 2.53
N GLU A 217 -7.48 -14.62 2.22
CA GLU A 217 -8.01 -15.09 0.95
C GLU A 217 -7.40 -14.29 -0.20
N VAL A 218 -7.29 -12.97 -0.02
CA VAL A 218 -6.67 -12.13 -1.03
C VAL A 218 -5.19 -12.47 -1.20
N VAL A 219 -4.45 -12.52 -0.08
CA VAL A 219 -3.06 -12.93 -0.11
C VAL A 219 -2.88 -14.27 -0.83
N ASP A 220 -3.70 -15.24 -0.46
CA ASP A 220 -3.53 -16.61 -0.97
C ASP A 220 -3.89 -16.69 -2.46
N ALA A 221 -4.91 -15.94 -2.88
CA ALA A 221 -5.29 -15.93 -4.29
C ALA A 221 -4.21 -15.30 -5.17
N ILE A 222 -3.56 -14.26 -4.64
CA ILE A 222 -2.49 -13.59 -5.39
C ILE A 222 -1.24 -14.48 -5.45
N ILE A 223 -0.87 -15.07 -4.32
CA ILE A 223 0.25 -15.99 -4.29
C ILE A 223 0.07 -17.12 -5.31
N ALA A 224 -1.15 -17.66 -5.40
CA ALA A 224 -1.41 -18.77 -6.33
C ALA A 224 -1.15 -18.40 -7.79
N ARG A 225 -1.20 -17.11 -8.09
CA ARG A 225 -1.01 -16.66 -9.47
C ARG A 225 0.39 -16.16 -9.75
N ILE A 226 0.98 -15.41 -8.82
CA ILE A 226 2.26 -14.74 -9.10
C ILE A 226 3.43 -15.16 -8.19
N GLY A 227 3.12 -15.89 -7.11
CA GLY A 227 4.14 -16.40 -6.20
C GLY A 227 4.39 -15.54 -4.97
N HIS A 228 4.71 -16.19 -3.86
CA HIS A 228 4.89 -15.51 -2.58
C HIS A 228 6.11 -14.58 -2.58
N ASP A 229 7.11 -14.89 -3.41
CA ASP A 229 8.33 -14.08 -3.47
C ASP A 229 8.05 -12.70 -4.06
N ARG A 230 6.94 -12.57 -4.78
CA ARG A 230 6.58 -11.32 -5.43
C ARG A 230 5.34 -10.67 -4.79
N THR A 231 5.00 -11.09 -3.57
CA THR A 231 3.78 -10.62 -2.91
C THR A 231 4.14 -10.03 -1.54
N GLY A 232 3.86 -8.75 -1.36
CA GLY A 232 3.98 -8.12 -0.05
C GLY A 232 2.62 -7.60 0.38
N LEU A 233 2.53 -7.13 1.63
CA LEU A 233 1.27 -6.70 2.21
C LEU A 233 1.52 -5.52 3.13
N ARG A 234 0.76 -4.44 2.95
CA ARG A 234 0.81 -3.32 3.88
C ARG A 234 -0.33 -3.47 4.87
N ILE A 235 -0.04 -3.25 6.16
CA ILE A 235 -1.07 -3.36 7.20
C ILE A 235 -1.02 -2.20 8.18
N SER A 236 -2.17 -1.92 8.80
CA SER A 236 -2.31 -0.85 9.78
C SER A 236 -3.01 -1.39 11.04
N PRO A 237 -2.27 -2.11 11.90
CA PRO A 237 -2.85 -2.59 13.16
C PRO A 237 -3.31 -1.43 14.03
N GLY A 238 -2.60 -0.32 13.96
CA GLY A 238 -3.00 0.91 14.63
C GLY A 238 -3.91 1.75 13.76
N ALA A 239 -5.15 1.95 14.20
CA ALA A 239 -6.14 2.71 13.45
C ALA A 239 -5.87 4.20 13.55
N TYR A 240 -5.76 4.86 12.41
CA TYR A 240 -5.47 6.30 12.41
C TYR A 240 -6.07 7.03 11.20
N PHE A 241 -6.26 6.32 10.09
CA PHE A 241 -6.68 6.94 8.84
C PHE A 241 -8.01 6.33 8.41
N ASN A 242 -9.07 7.13 8.47
CA ASN A 242 -10.42 6.67 8.16
C ASN A 242 -10.80 5.41 8.92
N MET A 243 -10.34 5.31 10.16
CA MET A 243 -10.61 4.13 10.98
C MET A 243 -10.50 4.46 12.45
N ALA A 244 -11.50 4.04 13.21
CA ALA A 244 -11.46 4.15 14.67
C ALA A 244 -10.98 2.82 15.24
N SER A 245 -10.17 2.88 16.30
CA SER A 245 -9.67 1.66 16.91
C SER A 245 -10.71 1.06 17.84
N ASP A 246 -10.47 -0.20 18.20
CA ASP A 246 -11.24 -0.96 19.17
C ASP A 246 -10.21 -1.87 19.82
N SER A 247 -10.22 -1.97 21.15
CA SER A 247 -9.20 -2.78 21.83
C SER A 247 -9.18 -4.23 21.33
N ARG A 248 -10.32 -4.71 20.84
CA ARG A 248 -10.41 -6.10 20.36
C ARG A 248 -9.63 -6.29 19.06
N ASP A 249 -9.26 -5.20 18.41
CA ASP A 249 -8.48 -5.30 17.18
C ASP A 249 -7.14 -5.97 17.47
N ARG A 250 -6.67 -5.86 18.71
CA ARG A 250 -5.39 -6.47 19.08
C ARG A 250 -5.39 -7.96 18.80
N VAL A 251 -6.42 -8.67 19.24
CA VAL A 251 -6.44 -10.13 19.03
C VAL A 251 -6.63 -10.51 17.56
N VAL A 252 -7.25 -9.65 16.76
CA VAL A 252 -7.32 -9.89 15.33
C VAL A 252 -5.91 -9.96 14.76
N PHE A 253 -5.10 -8.94 15.04
CA PHE A 253 -3.75 -8.90 14.47
C PHE A 253 -2.82 -9.93 15.11
N ASP A 254 -3.06 -10.30 16.37
CA ASP A 254 -2.27 -11.36 17.00
C ASP A 254 -2.43 -12.67 16.25
N TYR A 255 -3.59 -12.88 15.63
CA TYR A 255 -3.84 -14.07 14.83
C TYR A 255 -3.33 -13.90 13.40
N LEU A 256 -3.61 -12.76 12.80
CA LEU A 256 -3.25 -12.52 11.41
C LEU A 256 -1.75 -12.67 11.20
N LEU A 257 -0.94 -12.14 12.11
CA LEU A 257 0.49 -12.07 11.87
C LEU A 257 1.14 -13.46 11.73
N PRO A 258 0.90 -14.37 12.69
CA PRO A 258 1.44 -15.72 12.53
CA PRO A 258 1.46 -15.72 12.53
C PRO A 258 0.92 -16.42 11.27
N GLU A 259 -0.32 -16.13 10.88
CA GLU A 259 -0.84 -16.72 9.64
C GLU A 259 -0.08 -16.14 8.44
N LEU A 260 0.18 -14.85 8.46
CA LEU A 260 0.94 -14.23 7.38
C LEU A 260 2.33 -14.83 7.28
N GLU A 261 2.95 -15.10 8.42
CA GLU A 261 4.30 -15.61 8.43
C GLU A 261 4.38 -16.97 7.71
N LYS A 262 3.31 -17.77 7.81
CA LYS A 262 3.24 -19.05 7.10
C LYS A 262 3.36 -18.88 5.59
N ARG A 263 2.91 -17.75 5.07
CA ARG A 263 2.92 -17.52 3.62
C ARG A 263 4.29 -17.04 3.12
N ASP A 264 5.21 -16.72 4.03
CA ASP A 264 6.56 -16.31 3.64
C ASP A 264 6.54 -15.23 2.57
N LEU A 265 5.85 -14.13 2.86
CA LEU A 265 5.74 -13.03 1.91
C LEU A 265 7.09 -12.33 1.67
N ALA A 266 7.17 -11.60 0.57
CA ALA A 266 8.35 -10.79 0.28
C ALA A 266 8.61 -9.80 1.40
N PHE A 267 7.52 -9.22 1.92
CA PHE A 267 7.61 -8.33 3.07
C PHE A 267 6.23 -8.00 3.58
N VAL A 268 6.21 -7.58 4.84
CA VAL A 268 5.08 -6.87 5.40
C VAL A 268 5.52 -5.44 5.63
N HIS A 269 4.63 -4.49 5.37
CA HIS A 269 4.96 -3.08 5.36
C HIS A 269 3.97 -2.41 6.30
N ILE A 270 4.46 -1.58 7.21
CA ILE A 270 3.59 -0.86 8.12
C ILE A 270 2.93 0.29 7.38
N GLY A 271 1.64 0.51 7.64
CA GLY A 271 0.96 1.72 7.22
C GLY A 271 0.73 2.63 8.42
N ILE A 272 1.54 3.68 8.52
CA ILE A 272 1.43 4.65 9.61
C ILE A 272 2.06 5.93 9.08
N PHE A 273 1.70 7.09 9.64
CA PHE A 273 2.19 8.37 9.16
C PHE A 273 3.31 8.93 10.03
N ASP A 274 3.10 8.90 11.34
CA ASP A 274 4.13 9.25 12.31
C ASP A 274 4.30 8.07 13.27
N ASP A 275 5.37 7.30 13.06
CA ASP A 275 5.56 6.05 13.77
C ASP A 275 5.97 6.26 15.23
N SER A 276 6.07 7.50 15.67
CA SER A 276 6.28 7.77 17.10
C SER A 276 4.99 7.63 17.89
N ILE A 277 3.86 7.58 17.19
CA ILE A 277 2.58 7.40 17.87
C ILE A 277 2.41 5.98 18.39
N GLU A 278 1.92 5.87 19.62
CA GLU A 278 1.71 4.58 20.27
C GLU A 278 0.23 4.26 20.34
N PHE A 279 -0.07 2.96 20.33
CA PHE A 279 -1.43 2.50 20.45
C PHE A 279 -1.49 1.61 21.69
N ASP A 280 -2.29 2.01 22.68
CA ASP A 280 -2.30 1.28 23.94
C ASP A 280 -2.65 -0.19 23.73
N TYR A 281 -3.62 -0.49 22.87
CA TYR A 281 -4.02 -1.87 22.66
C TYR A 281 -2.96 -2.72 21.95
N LEU A 282 -1.98 -2.06 21.35
CA LEU A 282 -0.86 -2.74 20.71
C LEU A 282 0.39 -2.74 21.60
N GLY A 283 0.29 -2.08 22.73
CA GLY A 283 1.42 -2.02 23.65
C GLY A 283 2.55 -1.13 23.21
N GLY A 284 2.29 -0.24 22.25
CA GLY A 284 3.30 0.68 21.77
C GLY A 284 3.08 1.04 20.32
N THR A 285 4.15 1.37 19.62
CA THR A 285 4.04 1.80 18.24
C THR A 285 3.60 0.65 17.32
N ALA A 286 3.06 1.02 16.18
CA ALA A 286 2.59 0.03 15.21
C ALA A 286 3.74 -0.87 14.78
N SER A 287 4.89 -0.27 14.48
CA SER A 287 6.02 -1.06 14.00
C SER A 287 6.57 -1.97 15.09
N SER A 288 6.64 -1.49 16.33
CA SER A 288 7.18 -2.34 17.39
C SER A 288 6.23 -3.46 17.74
N TYR A 289 4.92 -3.22 17.63
CA TYR A 289 3.97 -4.30 17.82
C TYR A 289 4.20 -5.38 16.76
N VAL A 290 4.28 -5.00 15.49
CA VAL A 290 4.44 -6.00 14.43
C VAL A 290 5.77 -6.75 14.59
N ARG A 291 6.84 -6.01 14.88
CA ARG A 291 8.15 -6.61 15.03
C ARG A 291 8.17 -7.67 16.13
N ALA A 292 7.43 -7.41 17.21
CA ALA A 292 7.42 -8.32 18.35
C ALA A 292 6.62 -9.59 18.06
N HIS A 293 5.78 -9.55 17.03
CA HIS A 293 4.86 -10.65 16.75
C HIS A 293 5.00 -11.23 15.34
N TYR A 294 6.03 -10.81 14.63
CA TYR A 294 6.24 -11.24 13.25
C TYR A 294 7.73 -11.30 12.99
N GLY A 295 8.20 -12.40 12.42
CA GLY A 295 9.62 -12.68 12.40
C GLY A 295 10.29 -12.62 11.05
N LYS A 296 9.60 -12.04 10.07
CA LYS A 296 10.14 -11.93 8.72
C LYS A 296 10.30 -10.47 8.29
N THR A 297 10.75 -10.27 7.06
CA THR A 297 11.14 -8.95 6.59
C THR A 297 10.04 -7.93 6.84
N LEU A 298 10.41 -6.82 7.48
CA LEU A 298 9.46 -5.76 7.83
C LEU A 298 9.95 -4.43 7.28
N VAL A 299 9.05 -3.71 6.62
CA VAL A 299 9.31 -2.37 6.12
C VAL A 299 8.72 -1.35 7.09
N GLY A 300 9.59 -0.50 7.64
CA GLY A 300 9.17 0.61 8.47
C GLY A 300 8.91 1.86 7.64
N VAL A 301 8.19 2.80 8.23
CA VAL A 301 7.78 4.02 7.54
C VAL A 301 7.15 4.97 8.54
N GLY A 302 7.11 6.26 8.20
CA GLY A 302 6.29 7.19 8.95
C GLY A 302 7.10 8.21 9.71
N SER A 303 7.48 9.27 9.00
CA SER A 303 8.19 10.41 9.59
C SER A 303 9.63 10.08 10.02
N TYR A 304 10.23 9.08 9.37
CA TYR A 304 11.64 8.78 9.56
C TYR A 304 12.51 9.63 8.65
N SER A 305 13.68 10.00 9.15
CA SER A 305 14.74 10.48 8.27
C SER A 305 15.65 9.30 7.94
N ALA A 306 16.59 9.50 7.02
CA ALA A 306 17.58 8.47 6.75
C ALA A 306 18.31 8.12 8.04
N GLU A 307 18.64 9.14 8.83
CA GLU A 307 19.37 8.93 10.08
C GLU A 307 18.55 8.12 11.10
N THR A 308 17.30 8.49 11.34
CA THR A 308 16.53 7.76 12.35
C THR A 308 16.12 6.37 11.86
N ALA A 309 15.91 6.23 10.55
CA ALA A 309 15.64 4.91 9.98
C ALA A 309 16.85 4.00 10.13
N SER A 310 18.02 4.53 9.83
CA SER A 310 19.25 3.74 9.93
C SER A 310 19.46 3.27 11.35
N LYS A 311 19.20 4.14 12.31
CA LYS A 311 19.33 3.78 13.72
C LYS A 311 18.33 2.69 14.08
N ALA A 312 17.10 2.84 13.60
CA ALA A 312 16.06 1.85 13.90
C ALA A 312 16.43 0.47 13.35
N ILE A 313 16.98 0.45 12.15
CA ILE A 313 17.40 -0.80 11.52
C ILE A 313 18.58 -1.40 12.30
N ALA A 314 19.50 -0.55 12.78
CA ALA A 314 20.59 -1.04 13.63
C ALA A 314 20.08 -1.59 14.96
N GLU A 315 18.94 -1.09 15.42
CA GLU A 315 18.29 -1.56 16.64
C GLU A 315 17.35 -2.76 16.40
N ASP A 316 17.35 -3.28 15.19
CA ASP A 316 16.57 -4.46 14.84
C ASP A 316 15.07 -4.20 14.91
N LYS A 317 14.67 -2.95 14.70
CA LYS A 317 13.26 -2.59 14.79
C LYS A 317 12.48 -2.92 13.52
N PHE A 318 13.17 -2.90 12.39
CA PHE A 318 12.64 -3.33 11.10
C PHE A 318 13.82 -3.47 10.13
N ASP A 319 13.54 -3.89 8.89
CA ASP A 319 14.60 -4.29 7.97
C ASP A 319 14.81 -3.35 6.80
N LEU A 320 13.73 -2.72 6.36
CA LEU A 320 13.76 -1.82 5.23
C LEU A 320 13.03 -0.55 5.60
N ILE A 321 13.39 0.55 4.95
CA ILE A 321 12.73 1.83 5.21
C ILE A 321 12.05 2.39 3.95
N ALA A 322 10.75 2.63 4.07
CA ALA A 322 10.02 3.34 3.04
C ALA A 322 10.03 4.82 3.37
N ILE A 323 10.23 5.62 2.33
CA ILE A 323 10.36 7.06 2.42
C ILE A 323 9.31 7.66 1.49
N GLY A 324 8.46 8.53 2.03
CA GLY A 324 7.37 9.10 1.26
C GLY A 324 7.61 10.54 0.86
N ARG A 325 7.22 11.46 1.75
CA ARG A 325 7.29 12.88 1.41
C ARG A 325 8.66 13.33 0.92
N PRO A 326 9.75 12.87 1.57
CA PRO A 326 11.03 13.31 1.01
C PRO A 326 11.31 12.86 -0.43
N PHE A 327 10.68 11.75 -0.85
CA PHE A 327 10.84 11.28 -2.23
C PHE A 327 10.02 12.12 -3.18
N ILE A 328 9.00 12.81 -2.68
CA ILE A 328 8.29 13.78 -3.54
C ILE A 328 9.19 14.97 -3.84
N ALA A 329 9.87 15.46 -2.81
CA ALA A 329 10.74 16.63 -2.92
C ALA A 329 12.11 16.35 -3.54
N ASN A 330 12.55 15.10 -3.46
CA ASN A 330 13.87 14.71 -3.94
C ASN A 330 13.80 13.45 -4.80
N PRO A 331 13.69 13.61 -6.12
CA PRO A 331 13.74 12.40 -6.95
C PRO A 331 15.03 11.65 -6.71
N ASP A 332 16.08 12.41 -6.41
CA ASP A 332 17.42 11.88 -6.19
C ASP A 332 17.69 11.65 -4.70
N TYR A 333 16.63 11.37 -3.95
CA TYR A 333 16.74 11.07 -2.52
C TYR A 333 17.90 10.13 -2.22
N VAL A 334 17.95 8.99 -2.90
CA VAL A 334 18.92 7.97 -2.56
C VAL A 334 20.36 8.43 -2.82
N ALA A 335 20.57 9.06 -3.97
CA ALA A 335 21.90 9.56 -4.33
C ALA A 335 22.36 10.62 -3.33
N LYS A 336 21.43 11.48 -2.92
CA LYS A 336 21.76 12.53 -1.97
C LYS A 336 22.13 11.96 -0.59
N VAL A 337 21.36 11.00 -0.11
CA VAL A 337 21.68 10.36 1.16
C VAL A 337 23.01 9.61 1.08
N ARG A 338 23.24 8.91 -0.02
CA ARG A 338 24.47 8.14 -0.22
C ARG A 338 25.70 9.03 -0.22
N ASN A 339 25.58 10.18 -0.85
CA ASN A 339 26.73 11.06 -1.08
C ASN A 339 26.76 12.22 -0.09
N SER A 340 26.02 12.07 0.99
CA SER A 340 26.03 13.02 2.11
C SER A 340 25.66 14.44 1.67
N GLU A 341 24.70 14.54 0.77
CA GLU A 341 24.19 15.82 0.31
C GLU A 341 22.91 16.17 1.06
N GLU A 342 22.67 17.47 1.23
CA GLU A 342 21.50 17.93 1.94
C GLU A 342 20.27 17.80 1.06
N LEU A 343 19.11 17.61 1.71
CA LEU A 343 17.87 17.29 1.01
C LEU A 343 16.96 18.51 0.92
N VAL A 344 16.14 18.54 -0.12
CA VAL A 344 15.11 19.55 -0.24
C VAL A 344 13.93 19.20 0.68
N ALA A 345 13.47 20.19 1.45
CA ALA A 345 12.33 20.00 2.34
C ALA A 345 11.04 19.81 1.55
N TYR A 346 10.20 18.90 2.03
CA TYR A 346 8.90 18.70 1.44
C TYR A 346 7.93 19.83 1.80
N SER A 347 7.14 20.22 0.80
CA SER A 347 6.01 21.11 1.02
CA SER A 347 6.01 21.13 1.01
C SER A 347 4.83 20.64 0.18
N ASP A 348 3.63 20.77 0.71
CA ASP A 348 2.42 20.32 0.02
C ASP A 348 2.25 20.95 -1.36
N GLU A 349 2.80 22.14 -1.56
CA GLU A 349 2.68 22.79 -2.86
C GLU A 349 3.31 21.94 -3.95
N MET A 350 4.25 21.07 -3.57
CA MET A 350 4.93 20.21 -4.52
C MET A 350 4.03 19.12 -5.10
N LEU A 351 2.87 18.92 -4.47
CA LEU A 351 1.94 17.90 -4.96
C LEU A 351 1.36 18.28 -6.31
N ALA A 352 1.41 19.57 -6.65
CA ALA A 352 0.80 20.04 -7.89
C ALA A 352 1.57 19.60 -9.12
N SER A 353 2.85 19.31 -8.96
CA SER A 353 3.72 18.95 -10.07
CA SER A 353 3.68 18.91 -10.09
C SER A 353 4.22 17.51 -9.91
N LEU A 354 4.35 16.82 -11.03
CA LEU A 354 4.86 15.47 -11.03
C LEU A 354 6.28 15.50 -11.56
N ILE A 355 7.20 15.74 -10.63
CA ILE A 355 8.61 15.78 -10.93
CA ILE A 355 8.61 15.78 -10.94
C ILE A 355 9.32 14.73 -10.08
#